data_3NG7
#
_entry.id   3NG7
#
_cell.length_a   163.771
_cell.length_b   163.771
_cell.length_c   163.771
_cell.angle_alpha   90.00
_cell.angle_beta   90.00
_cell.angle_gamma   90.00
#
_symmetry.space_group_name_H-M   'P 4 3 2'
#
loop_
_entity.id
_entity.type
_entity.pdbx_description
1 polymer '6-hydroxy-L-nicotine oxidase'
2 non-polymer 5-[(2S)-1-methylpyrrolidin-2-yl]pyridin-2-ol
3 non-polymer 'FLAVIN-ADENINE DINUCLEOTIDE'
4 non-polymer '(1R)-2-{[(S)-(2-aminoethoxy)(hydroxy)phosphoryl]oxy}-1-[(pentadecanoyloxy)methyl]ethyl (12E)-hexadeca-9,12-dienoate'
5 non-polymer 5-[(2R)-1-methylpyrrolidin-2-yl]pyridin-2-ol
6 water water
#
_entity_poly.entity_id   1
_entity_poly.type   'polypeptide(L)'
_entity_poly.pdbx_seq_one_letter_code
;MYDAIVVGGGFSGLKAARDLTNAGKKVLLLEGGERLGGRAYSRESRNVPGLRVEIGGAYLHRKHHPRLAAELDRYGIPTA
AASEFTSFRHRLGPTAVDQAFPIPGSEAVAVEAATYTLLRDAHRIDLEKGLENQDLEDLDIPLNEYVDKLDLPPVSRQFL
LAWAWNMLGQPADQASALWMLQLVAAHHYSILGVVLSLDEVFSNGSADLVDAMSQEIPEIRLQTVVTGIDQSGDVVNVTV
KDGHAFQAHSVIVATPMNTWRRIVFTPALPERRRSVIEEGHGGQGLKILIHVRGAEAGIECVGDGIFPTLYDYCEVSESE
RLLVAFTDSGSFDPTDIGAVKDAVLYYLPEVEVLGIDYHDWIADPLFEGPWVAPRVGQFSRVHKELGEPAGRIHFVGSDV
SLEFPGYIEGALETAECAVNAILHSHHHHHH
;
_entity_poly.pdbx_strand_id   X
#
loop_
_chem_comp.id
_chem_comp.type
_chem_comp.name
_chem_comp.formula
FAD non-polymer 'FLAVIN-ADENINE DINUCLEOTIDE' 'C27 H33 N9 O15 P2'
GP7 non-polymer '(1R)-2-{[(S)-(2-aminoethoxy)(hydroxy)phosphoryl]oxy}-1-[(pentadecanoyloxy)methyl]ethyl (12E)-hexadeca-9,12-dienoate' 'C36 H68 N O8 P'
HNK non-polymer 5-[(2R)-1-methylpyrrolidin-2-yl]pyridin-2-ol 'C10 H14 N2 O'
HNL non-polymer 5-[(2S)-1-methylpyrrolidin-2-yl]pyridin-2-ol 'C10 H14 N2 O'
#
# COMPACT_ATOMS: atom_id res chain seq x y z
N MET A 1 0.57 -27.56 -20.38
N MET A 1 2.49 -25.67 -20.32
CA MET A 1 1.09 -26.16 -20.25
C MET A 1 -0.05 -25.09 -20.26
N TYR A 2 0.25 -23.86 -19.85
CA TYR A 2 -0.79 -22.86 -19.71
C TYR A 2 -0.61 -21.74 -20.72
N ASP A 3 -1.69 -21.04 -21.02
CA ASP A 3 -1.62 -19.74 -21.68
C ASP A 3 -0.89 -18.71 -20.81
N ALA A 4 -1.25 -18.68 -19.53
CA ALA A 4 -0.63 -17.78 -18.58
C ALA A 4 -0.47 -18.41 -17.21
N ILE A 5 0.70 -18.21 -16.63
CA ILE A 5 0.88 -18.38 -15.20
C ILE A 5 0.92 -17.02 -14.48
N VAL A 6 0.05 -16.87 -13.50
CA VAL A 6 0.08 -15.73 -12.59
C VAL A 6 0.77 -16.09 -11.29
N VAL A 7 1.80 -15.33 -10.95
CA VAL A 7 2.56 -15.56 -9.74
C VAL A 7 2.18 -14.55 -8.66
N GLY A 8 1.58 -15.04 -7.58
CA GLY A 8 1.08 -14.21 -6.51
C GLY A 8 -0.43 -14.03 -6.55
N GLY A 9 -1.08 -14.27 -5.42
CA GLY A 9 -2.51 -14.18 -5.33
C GLY A 9 -3.02 -13.11 -4.39
N GLY A 10 -2.40 -11.94 -4.47
CA GLY A 10 -3.04 -10.71 -4.04
C GLY A 10 -4.07 -10.22 -5.04
N PHE A 11 -4.62 -9.03 -4.82
CA PHE A 11 -5.70 -8.54 -5.65
C PHE A 11 -5.29 -8.41 -7.13
N SER A 12 -4.04 -8.06 -7.36
CA SER A 12 -3.51 -7.97 -8.70
C SER A 12 -3.52 -9.32 -9.41
N GLY A 13 -2.90 -10.31 -8.77
CA GLY A 13 -2.85 -11.65 -9.32
C GLY A 13 -4.23 -12.23 -9.49
N LEU A 14 -5.08 -12.00 -8.50
CA LEU A 14 -6.43 -12.48 -8.51
C LEU A 14 -7.24 -11.90 -9.67
N LYS A 15 -7.19 -10.59 -9.85
CA LYS A 15 -7.85 -9.97 -10.99
C LYS A 15 -7.33 -10.50 -12.34
N ALA A 16 -6.02 -10.51 -12.52
CA ALA A 16 -5.42 -10.98 -13.76
C ALA A 16 -5.87 -12.40 -14.10
N ALA A 17 -5.71 -13.31 -13.14
CA ALA A 17 -6.11 -14.69 -13.30
C ALA A 17 -7.58 -14.83 -13.65
N ARG A 18 -8.43 -14.13 -12.91
CA ARG A 18 -9.85 -14.20 -13.15
C ARG A 18 -10.20 -13.71 -14.55
N ASP A 19 -9.66 -12.56 -14.91
CA ASP A 19 -10.07 -11.91 -16.14
C ASP A 19 -9.55 -12.67 -17.35
N LEU A 20 -8.33 -13.16 -17.28
CA LEU A 20 -7.79 -14.00 -18.33
C LEU A 20 -8.60 -15.27 -18.51
N THR A 21 -8.95 -15.90 -17.40
CA THR A 21 -9.84 -17.05 -17.41
C THR A 21 -11.16 -16.75 -18.13
N ASN A 22 -11.78 -15.63 -17.80
CA ASN A 22 -13.06 -15.33 -18.39
C ASN A 22 -12.96 -14.96 -19.86
N ALA A 23 -11.76 -14.58 -20.27
CA ALA A 23 -11.45 -14.36 -21.66
C ALA A 23 -11.16 -15.65 -22.42
N GLY A 24 -11.23 -16.77 -21.72
CA GLY A 24 -11.05 -18.07 -22.36
C GLY A 24 -9.63 -18.56 -22.38
N LYS A 25 -8.76 -17.92 -21.61
CA LYS A 25 -7.38 -18.38 -21.51
C LYS A 25 -7.25 -19.45 -20.46
N LYS A 26 -6.25 -20.31 -20.61
CA LYS A 26 -6.08 -21.38 -19.63
C LYS A 26 -4.99 -20.91 -18.64
N VAL A 27 -5.37 -20.69 -17.36
CA VAL A 27 -4.49 -19.98 -16.41
C VAL A 27 -4.21 -20.85 -15.21
N LEU A 28 -3.00 -20.70 -14.70
CA LEU A 28 -2.63 -21.18 -13.40
C LEU A 28 -2.17 -20.04 -12.46
N LEU A 29 -2.76 -19.98 -11.28
CA LEU A 29 -2.33 -19.07 -10.24
C LEU A 29 -1.47 -19.78 -9.21
N LEU A 30 -0.23 -19.33 -9.06
CA LEU A 30 0.67 -19.84 -8.05
C LEU A 30 0.85 -18.86 -6.91
N GLU A 31 0.50 -19.29 -5.70
CA GLU A 31 0.63 -18.48 -4.50
C GLU A 31 1.56 -19.13 -3.47
N GLY A 32 2.52 -18.35 -2.98
CA GLY A 32 3.56 -18.84 -2.13
C GLY A 32 3.12 -19.17 -0.71
N GLY A 33 2.11 -18.45 -0.23
CA GLY A 33 1.66 -18.62 1.13
C GLY A 33 0.51 -19.60 1.29
N GLU A 34 -0.09 -19.60 2.48
CA GLU A 34 -1.21 -20.47 2.82
C GLU A 34 -2.55 -19.78 2.64
N ARG A 35 -2.51 -18.56 2.13
CA ARG A 35 -3.72 -17.79 1.93
C ARG A 35 -3.64 -16.90 0.71
N LEU A 36 -4.80 -16.49 0.23
CA LEU A 36 -4.88 -15.49 -0.82
C LEU A 36 -5.11 -14.10 -0.21
N GLY A 37 -4.77 -13.06 -0.94
CA GLY A 37 -5.16 -11.69 -0.49
C GLY A 37 -3.88 -10.86 -0.26
N GLY A 38 -2.75 -11.52 0.14
CA GLY A 38 -1.49 -10.80 0.07
C GLY A 38 -1.48 -9.68 1.17
N ARG A 39 -1.17 -8.45 0.83
CA ARG A 39 -1.17 -7.35 1.78
C ARG A 39 -2.56 -6.84 2.16
N ALA A 40 -3.58 -7.46 1.58
CA ALA A 40 -4.91 -7.40 2.15
C ALA A 40 -5.20 -8.66 2.96
N TYR A 41 -5.34 -8.49 4.26
CA TYR A 41 -5.22 -9.58 5.20
C TYR A 41 -6.14 -9.36 6.38
N SER A 42 -7.40 -9.76 6.21
CA SER A 42 -8.32 -9.81 7.34
C SER A 42 -8.20 -11.12 8.10
N ARG A 43 -8.15 -11.02 9.42
CA ARG A 43 -8.08 -12.20 10.27
C ARG A 43 -8.65 -11.91 11.65
N GLU A 44 -8.75 -12.93 12.47
CA GLU A 44 -9.11 -12.76 13.87
C GLU A 44 -8.07 -11.95 14.63
N SER A 45 -8.55 -11.03 15.45
CA SER A 45 -7.69 -10.27 16.37
C SER A 45 -6.89 -11.19 17.28
N ARG A 46 -5.58 -10.96 17.36
CA ARG A 46 -4.76 -11.57 18.40
C ARG A 46 -5.16 -11.13 19.81
N ASN A 47 -5.83 -10.00 19.94
CA ASN A 47 -6.10 -9.46 21.26
C ASN A 47 -7.51 -9.76 21.74
N VAL A 48 -8.46 -9.82 20.81
CA VAL A 48 -9.87 -9.90 21.14
C VAL A 48 -10.57 -11.03 20.38
N PRO A 49 -10.79 -12.14 21.05
CA PRO A 49 -11.30 -13.35 20.41
C PRO A 49 -12.58 -13.08 19.67
N GLY A 50 -12.71 -13.62 18.45
CA GLY A 50 -13.96 -13.44 17.78
C GLY A 50 -14.09 -12.14 17.02
N LEU A 51 -13.06 -11.28 17.13
CA LEU A 51 -13.17 -9.98 16.47
C LEU A 51 -12.26 -10.02 15.25
N ARG A 52 -12.82 -9.64 14.12
CA ARG A 52 -12.13 -9.71 12.85
C ARG A 52 -11.50 -8.35 12.55
N VAL A 53 -10.23 -8.34 12.16
CA VAL A 53 -9.58 -7.02 11.93
C VAL A 53 -8.81 -7.10 10.57
N GLU A 54 -8.49 -5.94 10.01
CA GLU A 54 -7.57 -5.81 8.91
C GLU A 54 -6.14 -5.55 9.37
N ILE A 55 -5.24 -6.43 9.00
CA ILE A 55 -3.87 -6.36 9.43
C ILE A 55 -2.98 -5.76 8.34
N GLY A 56 -3.52 -5.69 7.14
CA GLY A 56 -3.00 -4.83 6.09
C GLY A 56 -4.01 -3.84 5.55
N GLY A 57 -4.17 -3.82 4.23
CA GLY A 57 -5.05 -2.86 3.57
C GLY A 57 -6.50 -2.97 3.99
N ALA A 58 -7.15 -1.83 4.13
CA ALA A 58 -8.44 -1.74 4.83
C ALA A 58 -9.39 -0.68 4.27
N TYR A 59 -8.85 0.45 3.84
CA TYR A 59 -9.66 1.65 3.58
C TYR A 59 -9.74 1.94 2.08
N LEU A 60 -10.90 2.43 1.66
CA LEU A 60 -11.13 2.75 0.27
C LEU A 60 -12.03 3.95 0.11
N HIS A 61 -12.04 4.50 -1.09
CA HIS A 61 -12.98 5.52 -1.49
C HIS A 61 -13.44 5.31 -2.92
N ARG A 62 -14.72 5.03 -3.09
CA ARG A 62 -15.29 4.73 -4.39
CA ARG A 62 -15.28 4.75 -4.39
C ARG A 62 -14.94 5.73 -5.48
N LYS A 63 -14.91 7.00 -5.10
CA LYS A 63 -14.63 8.06 -6.05
C LYS A 63 -13.20 8.00 -6.56
N HIS A 64 -12.27 7.74 -5.66
CA HIS A 64 -10.87 7.63 -6.04
C HIS A 64 -10.49 6.24 -6.56
N HIS A 65 -11.31 5.25 -6.25
CA HIS A 65 -10.97 3.85 -6.50
C HIS A 65 -12.08 3.13 -7.29
N PRO A 66 -12.28 3.53 -8.54
CA PRO A 66 -13.42 3.08 -9.32
C PRO A 66 -13.35 1.59 -9.67
N ARG A 67 -12.17 1.10 -9.99
CA ARG A 67 -12.00 -0.31 -10.19
C ARG A 67 -12.42 -1.12 -8.97
N LEU A 68 -11.94 -0.73 -7.81
CA LEU A 68 -12.38 -1.37 -6.58
C LEU A 68 -13.89 -1.26 -6.36
N ALA A 69 -14.42 -0.08 -6.58
CA ALA A 69 -15.85 0.13 -6.47
C ALA A 69 -16.59 -0.85 -7.37
N ALA A 70 -16.08 -1.06 -8.57
CA ALA A 70 -16.71 -1.96 -9.52
C ALA A 70 -16.72 -3.41 -9.02
N GLU A 71 -15.62 -3.81 -8.39
CA GLU A 71 -15.51 -5.15 -7.83
C GLU A 71 -16.53 -5.33 -6.71
N LEU A 72 -16.61 -4.36 -5.83
CA LEU A 72 -17.59 -4.39 -4.76
C LEU A 72 -19.02 -4.54 -5.28
N ASP A 73 -19.38 -3.71 -6.25
CA ASP A 73 -20.69 -3.80 -6.88
C ASP A 73 -20.89 -5.16 -7.57
N ARG A 74 -19.85 -5.65 -8.21
CA ARG A 74 -19.92 -6.89 -8.96
C ARG A 74 -20.39 -8.06 -8.10
N TYR A 75 -19.82 -8.17 -6.90
CA TYR A 75 -20.09 -9.29 -6.02
C TYR A 75 -21.05 -8.98 -4.85
N GLY A 76 -21.62 -7.79 -4.86
CA GLY A 76 -22.50 -7.36 -3.80
C GLY A 76 -21.83 -7.32 -2.45
N ILE A 77 -20.59 -6.86 -2.41
CA ILE A 77 -19.81 -6.84 -1.19
C ILE A 77 -20.13 -5.62 -0.35
N PRO A 78 -20.61 -5.88 0.86
CA PRO A 78 -21.03 -4.80 1.75
C PRO A 78 -19.84 -4.01 2.28
N THR A 79 -20.01 -2.69 2.26
CA THR A 79 -19.07 -1.77 2.88
C THR A 79 -19.76 -0.88 3.91
N ALA A 80 -18.96 -0.25 4.75
CA ALA A 80 -19.45 0.70 5.72
C ALA A 80 -18.54 1.92 5.76
N ALA A 81 -19.12 3.07 6.07
CA ALA A 81 -18.39 4.22 6.51
C ALA A 81 -17.31 3.87 7.52
N ALA A 82 -16.10 4.33 7.27
CA ALA A 82 -15.08 4.35 8.30
C ALA A 82 -15.58 5.13 9.50
N SER A 83 -15.19 4.71 10.69
CA SER A 83 -15.62 5.37 11.92
C SER A 83 -15.42 6.89 11.89
N GLU A 84 -16.52 7.64 12.01
CA GLU A 84 -16.49 9.10 12.07
C GLU A 84 -15.62 9.58 13.23
N PHE A 85 -14.83 10.63 13.03
CA PHE A 85 -13.94 11.07 14.15
C PHE A 85 -14.72 12.19 14.78
N THR A 86 -14.88 12.12 16.10
CA THR A 86 -15.59 13.22 16.82
C THR A 86 -14.88 13.80 18.00
N SER A 87 -13.74 13.28 18.39
CA SER A 87 -13.02 13.86 19.49
C SER A 87 -11.56 13.99 19.01
N PHE A 88 -10.96 15.17 19.09
CA PHE A 88 -9.64 15.43 18.44
C PHE A 88 -8.66 15.69 19.57
N ARG A 89 -7.62 14.86 19.66
CA ARG A 89 -6.62 15.06 20.69
C ARG A 89 -5.25 15.23 20.09
N HIS A 90 -4.99 16.30 19.37
CA HIS A 90 -3.75 16.46 18.61
C HIS A 90 -2.61 16.85 19.54
N ARG A 91 -1.40 16.64 19.06
CA ARG A 91 -0.23 17.25 19.62
C ARG A 91 0.49 18.11 18.57
N LEU A 92 -0.06 19.30 18.34
CA LEU A 92 0.40 20.19 17.31
C LEU A 92 0.73 21.58 17.93
N GLY A 93 0.78 21.65 19.25
CA GLY A 93 1.08 22.87 19.94
C GLY A 93 -0.17 23.61 20.39
N PRO A 94 0.04 24.67 21.16
CA PRO A 94 -1.04 25.34 21.88
C PRO A 94 -1.97 26.17 21.01
N THR A 95 -1.55 26.52 19.82
CA THR A 95 -2.39 27.30 18.91
C THR A 95 -3.30 26.44 18.05
N ALA A 96 -3.08 25.12 18.07
CA ALA A 96 -3.86 24.22 17.26
C ALA A 96 -5.30 24.21 17.74
N VAL A 97 -6.24 24.00 16.82
CA VAL A 97 -7.61 23.76 17.20
C VAL A 97 -7.95 22.28 17.17
N ASP A 98 -8.76 21.85 18.11
CA ASP A 98 -9.05 20.44 18.19
C ASP A 98 -10.23 20.13 17.27
N GLN A 99 -9.94 20.02 15.98
CA GLN A 99 -10.97 19.65 14.99
C GLN A 99 -10.20 18.80 13.98
N ALA A 100 -10.87 18.27 12.95
CA ALA A 100 -10.18 17.43 11.97
C ALA A 100 -9.19 18.23 11.22
N PHE A 101 -9.51 19.50 10.98
CA PHE A 101 -8.61 20.40 10.31
C PHE A 101 -8.14 21.45 11.31
N PRO A 102 -6.97 21.21 11.90
CA PRO A 102 -6.60 21.86 13.16
C PRO A 102 -5.89 23.21 12.97
N ILE A 103 -5.85 23.69 11.74
CA ILE A 103 -5.11 24.90 11.43
C ILE A 103 -5.86 26.13 11.94
N PRO A 104 -5.20 26.95 12.74
CA PRO A 104 -5.81 28.19 13.22
C PRO A 104 -5.73 29.31 12.19
N GLY A 105 -6.58 30.31 12.36
CA GLY A 105 -6.64 31.43 11.45
C GLY A 105 -5.32 32.13 11.23
N SER A 106 -4.53 32.20 12.28
CA SER A 106 -3.24 32.85 12.20
C SER A 106 -2.30 32.19 11.20
N GLU A 107 -2.59 30.94 10.84
CA GLU A 107 -1.78 30.22 9.85
C GLU A 107 -2.41 30.16 8.46
N ALA A 108 -3.59 30.74 8.32
CA ALA A 108 -4.38 30.54 7.11
C ALA A 108 -3.60 30.97 5.87
N VAL A 109 -3.00 32.15 5.94
CA VAL A 109 -2.32 32.70 4.78
C VAL A 109 -1.14 31.81 4.37
N ALA A 110 -0.43 31.28 5.35
CA ALA A 110 0.66 30.35 5.09
C ALA A 110 0.16 29.12 4.35
N VAL A 111 -0.97 28.60 4.79
CA VAL A 111 -1.55 27.41 4.22
C VAL A 111 -2.09 27.62 2.78
N GLU A 112 -2.74 28.75 2.56
CA GLU A 112 -3.08 29.23 1.22
C GLU A 112 -1.89 29.17 0.26
N ALA A 113 -0.77 29.73 0.68
CA ALA A 113 0.42 29.78 -0.17
C ALA A 113 0.98 28.39 -0.45
N ALA A 114 1.03 27.57 0.59
CA ALA A 114 1.57 26.22 0.49
C ALA A 114 0.68 25.35 -0.38
N THR A 115 -0.60 25.60 -0.30
CA THR A 115 -1.55 24.90 -1.13
C THR A 115 -1.26 25.16 -2.61
N TYR A 116 -1.06 26.42 -2.97
CA TYR A 116 -0.68 26.75 -4.33
C TYR A 116 0.60 26.04 -4.76
N THR A 117 1.66 26.18 -3.97
CA THR A 117 2.96 25.58 -4.27
C THR A 117 2.88 24.07 -4.45
N LEU A 118 2.23 23.41 -3.51
CA LEU A 118 2.09 21.98 -3.54
C LEU A 118 1.33 21.50 -4.77
N LEU A 119 0.20 22.13 -5.04
CA LEU A 119 -0.61 21.77 -6.18
C LEU A 119 0.08 22.11 -7.51
N ARG A 120 0.68 23.28 -7.59
CA ARG A 120 1.52 23.61 -8.72
C ARG A 120 2.54 22.52 -9.00
N ASP A 121 3.25 22.10 -7.97
CA ASP A 121 4.26 21.07 -8.10
C ASP A 121 3.66 19.73 -8.51
N ALA A 122 2.59 19.34 -7.85
CA ALA A 122 1.88 18.11 -8.19
C ALA A 122 1.40 18.09 -9.63
N HIS A 123 1.03 19.25 -10.15
CA HIS A 123 0.48 19.37 -11.50
C HIS A 123 1.57 19.21 -12.57
N ARG A 124 2.82 19.21 -12.15
CA ARG A 124 3.92 18.82 -13.02
C ARG A 124 3.90 17.35 -13.43
N ILE A 125 3.16 16.54 -12.68
CA ILE A 125 3.14 15.11 -12.86
C ILE A 125 2.02 14.67 -13.79
N ASP A 126 2.39 14.12 -14.93
CA ASP A 126 1.48 13.34 -15.76
C ASP A 126 1.51 11.90 -15.34
N LEU A 127 0.36 11.39 -14.93
CA LEU A 127 0.29 10.06 -14.34
C LEU A 127 0.56 8.92 -15.31
N GLU A 128 0.64 9.21 -16.60
CA GLU A 128 0.81 8.16 -17.59
C GLU A 128 2.26 7.92 -17.97
N LYS A 129 3.13 8.87 -17.66
CA LYS A 129 4.42 8.96 -18.30
C LYS A 129 5.51 8.24 -17.53
N GLY A 130 5.28 8.05 -16.24
CA GLY A 130 6.32 7.61 -15.33
C GLY A 130 7.14 8.74 -14.72
N LEU A 131 7.50 8.56 -13.45
CA LEU A 131 8.15 9.62 -12.70
C LEU A 131 9.58 9.87 -13.14
N GLU A 132 10.13 8.94 -13.92
CA GLU A 132 11.49 9.06 -14.46
C GLU A 132 11.56 9.79 -15.81
N ASN A 133 10.41 10.11 -16.39
CA ASN A 133 10.35 10.54 -17.77
C ASN A 133 9.89 11.99 -17.95
N GLN A 134 9.98 12.78 -16.90
CA GLN A 134 9.29 14.07 -16.86
C GLN A 134 10.11 15.24 -16.35
N ASP A 135 11.42 15.07 -16.26
CA ASP A 135 12.27 16.10 -15.69
C ASP A 135 11.81 16.53 -14.30
N LEU A 136 11.55 15.55 -13.46
CA LEU A 136 11.03 15.79 -12.12
C LEU A 136 12.11 15.68 -11.03
N GLU A 137 13.36 15.52 -11.43
CA GLU A 137 14.44 15.23 -10.49
C GLU A 137 14.58 16.24 -9.37
N ASP A 138 14.37 17.50 -9.70
CA ASP A 138 14.48 18.57 -8.72
C ASP A 138 13.53 18.38 -7.54
N LEU A 139 12.47 17.62 -7.77
CA LEU A 139 11.51 17.32 -6.71
C LEU A 139 11.88 16.05 -5.96
N ASP A 140 12.75 15.23 -6.53
CA ASP A 140 13.00 13.95 -5.88
C ASP A 140 14.09 14.16 -4.82
N ILE A 141 13.74 14.77 -3.66
CA ILE A 141 14.70 15.20 -2.64
C ILE A 141 14.05 14.87 -1.33
N PRO A 142 14.76 14.87 -0.21
CA PRO A 142 14.15 14.47 1.04
C PRO A 142 12.96 15.39 1.38
N LEU A 143 11.88 14.79 1.88
CA LEU A 143 10.68 15.54 2.18
C LEU A 143 10.92 16.68 3.15
N ASN A 144 11.76 16.45 4.15
CA ASN A 144 12.05 17.52 5.11
C ASN A 144 12.64 18.76 4.44
N GLU A 145 13.49 18.55 3.45
CA GLU A 145 14.07 19.64 2.70
C GLU A 145 13.03 20.40 1.90
N TYR A 146 12.18 19.67 1.21
CA TYR A 146 11.09 20.27 0.44
C TYR A 146 10.18 21.11 1.34
N VAL A 147 9.75 20.50 2.43
CA VAL A 147 8.88 21.18 3.37
C VAL A 147 9.51 22.40 4.02
N ASP A 148 10.81 22.35 4.27
CA ASP A 148 11.53 23.51 4.78
C ASP A 148 11.37 24.70 3.86
N LYS A 149 11.34 24.43 2.56
CA LYS A 149 11.07 25.45 1.56
C LYS A 149 9.67 26.05 1.59
N LEU A 150 8.69 25.32 2.11
CA LEU A 150 7.39 25.87 2.19
C LEU A 150 7.33 26.90 3.29
N ASP A 151 8.27 26.89 4.21
CA ASP A 151 8.23 27.83 5.34
C ASP A 151 6.90 27.85 6.12
N LEU A 152 6.48 26.70 6.60
CA LEU A 152 5.19 26.65 7.27
C LEU A 152 5.34 26.93 8.71
N PRO A 153 4.38 27.65 9.26
CA PRO A 153 4.26 27.78 10.72
C PRO A 153 3.92 26.46 11.39
N PRO A 154 3.98 26.41 12.71
CA PRO A 154 4.20 25.16 13.42
C PRO A 154 3.04 24.17 13.29
N VAL A 155 1.81 24.64 13.35
CA VAL A 155 0.69 23.71 13.28
C VAL A 155 0.60 23.02 11.94
N SER A 156 0.47 23.82 10.89
CA SER A 156 0.43 23.31 9.53
C SER A 156 1.64 22.47 9.17
N ARG A 157 2.82 22.93 9.55
CA ARG A 157 4.03 22.19 9.29
C ARG A 157 3.93 20.81 9.91
N GLN A 158 3.59 20.75 11.20
CA GLN A 158 3.69 19.45 11.82
C GLN A 158 2.51 18.55 11.34
N PHE A 159 1.38 19.16 10.99
CA PHE A 159 0.20 18.46 10.53
C PHE A 159 0.49 17.76 9.20
N LEU A 160 1.03 18.53 8.25
CA LEU A 160 1.53 18.00 7.00
C LEU A 160 2.53 16.84 7.18
N LEU A 161 3.53 17.05 8.01
CA LEU A 161 4.60 16.08 8.18
C LEU A 161 4.07 14.81 8.84
N ALA A 162 3.16 14.99 9.80
CA ALA A 162 2.56 13.86 10.46
C ALA A 162 1.82 12.97 9.46
N TRP A 163 0.91 13.54 8.70
CA TRP A 163 0.15 12.76 7.73
C TRP A 163 1.05 12.15 6.65
N ALA A 164 2.09 12.87 6.28
CA ALA A 164 3.05 12.35 5.31
C ALA A 164 3.83 11.16 5.83
N TRP A 165 4.13 11.18 7.12
CA TRP A 165 4.77 10.04 7.78
C TRP A 165 3.84 8.83 7.80
N ASN A 166 2.61 9.05 8.25
CA ASN A 166 1.54 8.08 8.15
C ASN A 166 1.44 7.46 6.74
N MET A 167 1.33 8.33 5.74
CA MET A 167 0.92 7.89 4.43
C MET A 167 2.03 7.18 3.67
N LEU A 168 3.26 7.66 3.83
CA LEU A 168 4.40 7.12 3.11
C LEU A 168 5.07 5.97 3.87
N GLY A 169 4.83 5.88 5.17
CA GLY A 169 5.56 4.98 6.02
C GLY A 169 7.07 5.19 6.00
N GLN A 170 7.47 6.45 5.95
CA GLN A 170 8.85 6.86 6.06
C GLN A 170 8.95 8.15 6.86
N PRO A 171 9.97 8.26 7.70
CA PRO A 171 10.32 9.54 8.29
C PRO A 171 10.63 10.57 7.24
N ALA A 172 10.50 11.83 7.60
CA ALA A 172 10.57 12.93 6.67
C ALA A 172 11.91 13.02 5.92
N ASP A 173 12.98 12.61 6.56
CA ASP A 173 14.29 12.63 5.94
C ASP A 173 14.60 11.47 5.00
N GLN A 174 13.72 10.47 4.97
CA GLN A 174 13.86 9.35 4.06
C GLN A 174 12.81 9.36 2.93
N ALA A 175 11.71 10.05 3.15
CA ALA A 175 10.68 10.15 2.13
C ALA A 175 11.10 11.08 0.99
N SER A 176 10.64 10.76 -0.21
CA SER A 176 10.81 11.64 -1.34
C SER A 176 9.64 12.60 -1.50
N ALA A 177 9.94 13.88 -1.59
CA ALA A 177 8.93 14.89 -1.88
C ALA A 177 8.17 14.59 -3.18
N LEU A 178 8.90 14.15 -4.19
CA LEU A 178 8.31 13.82 -5.48
C LEU A 178 7.19 12.81 -5.34
N TRP A 179 7.40 11.88 -4.43
CA TRP A 179 6.46 10.81 -4.12
C TRP A 179 5.22 11.27 -3.34
N MET A 180 5.43 12.11 -2.33
CA MET A 180 4.36 12.80 -1.70
CA MET A 180 4.31 12.80 -1.72
C MET A 180 3.43 13.41 -2.80
N LEU A 181 4.08 14.06 -3.75
CA LEU A 181 3.38 14.76 -4.80
C LEU A 181 2.70 13.83 -5.78
N GLN A 182 3.31 12.68 -6.02
CA GLN A 182 2.66 11.59 -6.72
C GLN A 182 1.35 11.19 -6.07
N LEU A 183 1.33 11.06 -4.76
CA LEU A 183 0.13 10.69 -4.05
C LEU A 183 -0.93 11.77 -4.19
N VAL A 184 -0.50 13.01 -4.13
CA VAL A 184 -1.39 14.14 -4.33
C VAL A 184 -2.01 14.08 -5.72
N ALA A 185 -1.16 13.97 -6.73
CA ALA A 185 -1.61 13.74 -8.09
C ALA A 185 -2.62 12.60 -8.28
N ALA A 186 -2.33 11.44 -7.70
CA ALA A 186 -3.21 10.29 -7.82
C ALA A 186 -4.62 10.59 -7.35
N HIS A 187 -4.73 11.47 -6.37
CA HIS A 187 -6.01 11.79 -5.77
C HIS A 187 -6.66 12.96 -6.49
N HIS A 188 -6.57 12.95 -7.81
CA HIS A 188 -7.01 14.08 -8.63
C HIS A 188 -6.42 15.39 -8.18
N TYR A 189 -5.11 15.40 -7.95
CA TYR A 189 -4.41 16.60 -7.59
C TYR A 189 -5.00 17.30 -6.36
N SER A 190 -5.14 16.55 -5.28
CA SER A 190 -5.70 17.04 -4.03
C SER A 190 -4.86 16.57 -2.85
N ILE A 191 -4.43 17.51 -2.01
CA ILE A 191 -3.73 17.17 -0.80
C ILE A 191 -4.74 16.65 0.21
N LEU A 192 -5.87 17.34 0.31
CA LEU A 192 -6.93 16.94 1.27
C LEU A 192 -7.40 15.51 0.88
N GLY A 193 -7.55 15.22 -0.40
CA GLY A 193 -8.02 13.87 -0.77
C GLY A 193 -7.17 12.71 -0.24
N VAL A 194 -5.85 12.95 -0.05
CA VAL A 194 -4.98 11.86 0.43
C VAL A 194 -5.53 11.32 1.75
N VAL A 195 -6.06 12.18 2.60
CA VAL A 195 -6.60 11.66 3.85
C VAL A 195 -8.09 11.40 3.67
N LEU A 196 -8.79 12.19 2.85
CA LEU A 196 -10.24 11.96 2.68
C LEU A 196 -10.54 10.64 1.99
N SER A 197 -9.53 10.02 1.33
CA SER A 197 -9.81 8.70 0.70
C SER A 197 -9.84 7.52 1.72
N LEU A 198 -9.66 7.82 3.01
CA LEU A 198 -9.93 6.81 4.07
C LEU A 198 -11.39 6.88 4.40
N ASP A 199 -12.22 6.37 3.48
CA ASP A 199 -13.60 6.72 3.52
C ASP A 199 -14.50 5.54 3.96
N GLU A 200 -14.23 4.32 3.47
CA GLU A 200 -15.15 3.20 3.75
C GLU A 200 -14.29 2.00 3.97
N VAL A 201 -14.84 0.98 4.59
CA VAL A 201 -14.14 -0.27 4.85
C VAL A 201 -15.02 -1.45 4.43
N PHE A 202 -14.43 -2.63 4.30
CA PHE A 202 -15.17 -3.86 4.08
C PHE A 202 -15.94 -4.25 5.33
N SER A 203 -17.27 -4.32 5.25
CA SER A 203 -18.07 -4.76 6.39
C SER A 203 -17.65 -6.10 6.97
N ASN A 204 -17.30 -7.04 6.09
CA ASN A 204 -16.86 -8.36 6.51
C ASN A 204 -15.38 -8.66 6.26
N GLY A 205 -14.57 -7.62 6.15
CA GLY A 205 -13.18 -7.81 5.82
C GLY A 205 -12.90 -7.92 4.32
N SER A 206 -11.69 -7.54 3.95
CA SER A 206 -11.17 -7.70 2.60
C SER A 206 -11.25 -9.12 2.07
N ALA A 207 -11.20 -10.10 2.97
CA ALA A 207 -11.32 -11.49 2.57
C ALA A 207 -12.62 -11.80 1.86
N ASP A 208 -13.64 -11.00 2.12
CA ASP A 208 -14.91 -11.06 1.39
C ASP A 208 -14.68 -10.96 -0.12
N LEU A 209 -13.96 -9.93 -0.54
CA LEU A 209 -13.66 -9.74 -1.94
C LEU A 209 -12.67 -10.78 -2.45
N VAL A 210 -11.67 -11.09 -1.64
CA VAL A 210 -10.68 -12.08 -2.02
C VAL A 210 -11.36 -13.41 -2.35
N ASP A 211 -12.29 -13.82 -1.53
CA ASP A 211 -13.00 -15.08 -1.71
C ASP A 211 -13.90 -15.06 -2.93
N ALA A 212 -14.61 -13.95 -3.12
CA ALA A 212 -15.43 -13.77 -4.30
C ALA A 212 -14.64 -13.95 -5.61
N MET A 213 -13.46 -13.36 -5.67
CA MET A 213 -12.69 -13.37 -6.89
C MET A 213 -12.12 -14.75 -7.14
N SER A 214 -11.64 -15.38 -6.08
CA SER A 214 -10.98 -16.67 -6.17
C SER A 214 -11.93 -17.77 -6.62
N GLN A 215 -13.21 -17.62 -6.27
CA GLN A 215 -14.23 -18.57 -6.69
C GLN A 215 -14.35 -18.63 -8.21
N GLU A 216 -13.88 -17.60 -8.87
CA GLU A 216 -13.86 -17.56 -10.32
C GLU A 216 -12.53 -18.01 -10.93
N ILE A 217 -11.59 -18.49 -10.13
CA ILE A 217 -10.33 -18.84 -10.70
C ILE A 217 -10.23 -20.38 -10.53
N PRO A 218 -10.14 -21.11 -11.63
CA PRO A 218 -10.34 -22.55 -11.58
C PRO A 218 -9.13 -23.34 -11.06
N GLU A 219 -7.94 -22.80 -11.23
CA GLU A 219 -6.74 -23.50 -10.82
C GLU A 219 -5.78 -22.65 -9.99
N ILE A 220 -5.69 -22.96 -8.72
CA ILE A 220 -4.84 -22.22 -7.78
C ILE A 220 -3.98 -23.20 -7.00
N ARG A 221 -2.67 -22.94 -6.94
CA ARG A 221 -1.82 -23.69 -6.03
C ARG A 221 -1.28 -22.82 -4.91
N LEU A 222 -1.70 -23.12 -3.69
CA LEU A 222 -1.11 -22.51 -2.51
C LEU A 222 0.25 -23.10 -2.17
N GLN A 223 0.93 -22.47 -1.22
CA GLN A 223 2.20 -22.95 -0.73
C GLN A 223 3.18 -23.30 -1.83
N THR A 224 3.14 -22.52 -2.90
CA THR A 224 3.98 -22.75 -4.05
C THR A 224 4.82 -21.52 -4.38
N VAL A 225 6.07 -21.53 -3.96
CA VAL A 225 6.92 -20.37 -4.05
C VAL A 225 7.74 -20.41 -5.33
N VAL A 226 7.53 -19.45 -6.21
CA VAL A 226 8.29 -19.38 -7.44
C VAL A 226 9.71 -18.89 -7.22
N THR A 227 10.68 -19.60 -7.77
CA THR A 227 12.08 -19.29 -7.54
C THR A 227 12.82 -18.91 -8.82
N GLY A 228 12.22 -19.23 -9.96
CA GLY A 228 12.85 -18.96 -11.23
C GLY A 228 11.82 -18.76 -12.31
N ILE A 229 12.12 -17.85 -13.22
CA ILE A 229 11.32 -17.63 -14.40
C ILE A 229 12.20 -17.48 -15.63
N ASP A 230 12.05 -18.43 -16.55
CA ASP A 230 13.02 -18.66 -17.61
C ASP A 230 12.33 -18.66 -18.97
N GLN A 231 12.59 -17.63 -19.75
CA GLN A 231 11.95 -17.46 -21.04
C GLN A 231 12.96 -17.56 -22.17
N SER A 232 14.05 -18.26 -21.91
CA SER A 232 15.06 -18.51 -22.93
C SER A 232 14.53 -19.39 -24.07
N GLY A 233 13.57 -20.24 -23.75
CA GLY A 233 12.98 -21.15 -24.72
C GLY A 233 11.74 -20.59 -25.38
N ASP A 234 11.09 -21.41 -26.19
CA ASP A 234 9.86 -21.03 -26.87
C ASP A 234 8.74 -20.74 -25.88
N VAL A 235 8.79 -21.40 -24.73
CA VAL A 235 7.71 -21.37 -23.75
C VAL A 235 8.34 -21.09 -22.38
N VAL A 236 7.68 -20.26 -21.58
CA VAL A 236 8.23 -19.86 -20.30
C VAL A 236 8.19 -20.98 -19.27
N ASN A 237 9.36 -21.27 -18.70
CA ASN A 237 9.49 -22.22 -17.60
C ASN A 237 9.55 -21.53 -16.24
N VAL A 238 8.61 -21.88 -15.38
CA VAL A 238 8.52 -21.37 -14.03
C VAL A 238 8.86 -22.46 -13.03
N THR A 239 9.97 -22.27 -12.33
CA THR A 239 10.44 -23.21 -11.34
C THR A 239 10.04 -22.77 -9.94
N VAL A 240 9.91 -23.75 -9.07
CA VAL A 240 9.19 -23.62 -7.83
C VAL A 240 10.05 -24.31 -6.75
N LYS A 241 9.86 -23.93 -5.49
N LYS A 241 9.84 -23.95 -5.49
CA LYS A 241 10.87 -24.19 -4.48
CA LYS A 241 10.85 -24.17 -4.46
C LYS A 241 11.07 -25.67 -4.24
C LYS A 241 11.22 -25.64 -4.29
N ASP A 242 9.96 -26.38 -4.07
N ASP A 242 10.24 -26.53 -4.32
CA ASP A 242 10.00 -27.81 -3.75
CA ASP A 242 10.57 -27.96 -4.28
C ASP A 242 8.89 -28.48 -4.52
C ASP A 242 11.01 -28.59 -5.61
N GLY A 243 9.05 -28.52 -5.83
N GLY A 243 11.00 -27.81 -6.68
CA GLY A 243 7.92 -28.64 -6.72
CA GLY A 243 11.81 -28.11 -7.86
C GLY A 243 8.42 -28.92 -8.11
C GLY A 243 11.02 -28.34 -9.14
N HIS A 244 7.58 -29.55 -8.91
N HIS A 244 9.70 -28.21 -9.07
CA HIS A 244 7.82 -29.59 -10.33
CA HIS A 244 8.77 -28.96 -9.92
C HIS A 244 7.60 -28.22 -10.95
C HIS A 244 7.94 -28.06 -10.81
N ALA A 245 8.29 -27.96 -12.04
N ALA A 245 8.30 -27.99 -12.07
CA ALA A 245 8.11 -26.76 -12.84
CA ALA A 245 8.12 -26.79 -12.87
C ALA A 245 6.77 -26.71 -13.54
C ALA A 245 6.76 -26.71 -13.56
N PHE A 246 6.37 -25.48 -13.90
CA PHE A 246 5.22 -25.23 -14.73
C PHE A 246 5.62 -24.39 -15.92
N GLN A 247 4.84 -24.48 -16.99
CA GLN A 247 5.17 -23.81 -18.24
C GLN A 247 3.98 -23.04 -18.81
N ALA A 248 4.26 -21.89 -19.42
CA ALA A 248 3.20 -21.06 -19.98
C ALA A 248 3.72 -20.16 -21.10
N HIS A 249 2.84 -19.76 -21.99
CA HIS A 249 3.20 -18.82 -23.04
C HIS A 249 3.55 -17.49 -22.45
N SER A 250 2.82 -17.07 -21.43
CA SER A 250 3.10 -15.77 -20.77
C SER A 250 3.11 -15.94 -19.27
N VAL A 251 3.90 -15.12 -18.59
CA VAL A 251 3.93 -15.12 -17.15
C VAL A 251 3.65 -13.73 -16.59
N ILE A 252 2.79 -13.65 -15.60
CA ILE A 252 2.54 -12.41 -14.91
C ILE A 252 3.12 -12.46 -13.50
N VAL A 253 4.12 -11.62 -13.28
CA VAL A 253 4.66 -11.45 -11.95
C VAL A 253 3.81 -10.49 -11.11
N ALA A 254 3.01 -11.05 -10.21
CA ALA A 254 2.14 -10.27 -9.36
C ALA A 254 2.54 -10.40 -7.89
N THR A 255 3.84 -10.50 -7.67
CA THR A 255 4.42 -10.52 -6.33
C THR A 255 4.98 -9.15 -5.99
N PRO A 256 5.23 -8.90 -4.71
CA PRO A 256 5.64 -7.56 -4.28
C PRO A 256 7.01 -7.23 -4.82
N MET A 257 7.23 -5.95 -5.15
CA MET A 257 8.46 -5.54 -5.79
C MET A 257 9.68 -5.96 -5.02
N ASN A 258 9.60 -5.87 -3.70
CA ASN A 258 10.74 -6.18 -2.86
C ASN A 258 11.12 -7.66 -2.82
N THR A 259 10.31 -8.49 -3.45
CA THR A 259 10.58 -9.91 -3.56
C THR A 259 11.17 -10.34 -4.90
N TRP A 260 11.14 -9.46 -5.89
CA TRP A 260 11.57 -9.83 -7.22
C TRP A 260 13.02 -10.20 -7.25
N ARG A 261 13.82 -9.53 -6.44
CA ARG A 261 15.22 -9.84 -6.28
C ARG A 261 15.51 -11.27 -5.83
N ARG A 262 14.52 -11.95 -5.26
CA ARG A 262 14.66 -13.35 -4.90
C ARG A 262 14.40 -14.37 -6.01
N ILE A 263 13.83 -13.92 -7.13
CA ILE A 263 13.58 -14.80 -8.25
C ILE A 263 14.73 -14.72 -9.25
N VAL A 264 15.13 -15.87 -9.77
CA VAL A 264 16.06 -15.92 -10.89
C VAL A 264 15.36 -15.77 -12.23
N PHE A 265 15.58 -14.64 -12.88
CA PHE A 265 15.06 -14.42 -14.22
C PHE A 265 16.08 -14.82 -15.29
N THR A 266 15.62 -15.61 -16.26
CA THR A 266 16.42 -15.89 -17.44
C THR A 266 15.68 -15.56 -18.73
N PRO A 267 16.27 -14.71 -19.54
CA PRO A 267 17.52 -14.02 -19.20
C PRO A 267 17.31 -12.94 -18.15
N ALA A 268 18.40 -12.32 -17.72
CA ALA A 268 18.34 -11.32 -16.68
C ALA A 268 17.43 -10.19 -17.10
N LEU A 269 16.82 -9.52 -16.13
CA LEU A 269 15.89 -8.44 -16.44
C LEU A 269 16.65 -7.28 -17.05
N PRO A 270 15.96 -6.39 -17.76
CA PRO A 270 16.71 -5.30 -18.43
C PRO A 270 17.54 -4.46 -17.44
N GLU A 271 18.70 -4.04 -17.87
CA GLU A 271 19.70 -3.59 -16.94
C GLU A 271 19.28 -2.33 -16.12
N ARG A 272 18.52 -1.43 -16.75
CA ARG A 272 18.03 -0.23 -16.05
C ARG A 272 17.24 -0.56 -14.79
N ARG A 273 16.58 -1.70 -14.79
CA ARG A 273 15.72 -2.07 -13.67
C ARG A 273 16.50 -2.66 -12.55
N ARG A 274 17.71 -3.13 -12.81
CA ARG A 274 18.33 -4.08 -11.89
C ARG A 274 18.66 -3.51 -10.53
N SER A 275 19.20 -2.30 -10.51
CA SER A 275 19.67 -1.70 -9.28
C SER A 275 18.55 -1.45 -8.27
N VAL A 276 17.46 -0.86 -8.74
CA VAL A 276 16.29 -0.61 -7.91
C VAL A 276 15.68 -1.91 -7.37
N ILE A 277 15.64 -2.94 -8.21
CA ILE A 277 15.04 -4.20 -7.81
C ILE A 277 15.86 -4.85 -6.72
N GLU A 278 17.18 -4.81 -6.89
CA GLU A 278 18.08 -5.27 -5.85
C GLU A 278 17.93 -4.51 -4.55
N GLU A 279 17.91 -3.19 -4.63
CA GLU A 279 17.81 -2.38 -3.43
C GLU A 279 16.45 -2.52 -2.74
N GLY A 280 15.41 -2.69 -3.54
CA GLY A 280 14.06 -2.56 -3.04
C GLY A 280 13.65 -1.13 -2.81
N HIS A 281 12.35 -0.91 -2.68
CA HIS A 281 11.82 0.38 -2.33
C HIS A 281 11.99 0.63 -0.84
N GLY A 282 11.73 1.85 -0.41
CA GLY A 282 12.09 2.25 0.92
C GLY A 282 10.95 2.23 1.92
N GLY A 283 9.83 1.65 1.53
CA GLY A 283 8.63 1.64 2.36
C GLY A 283 8.83 0.94 3.69
N GLN A 284 8.53 1.63 4.78
CA GLN A 284 8.65 1.04 6.10
C GLN A 284 7.41 1.24 6.96
N GLY A 285 6.27 1.42 6.32
CA GLY A 285 5.03 1.69 7.01
C GLY A 285 4.73 0.63 8.03
N LEU A 286 4.14 1.03 9.14
CA LEU A 286 3.84 0.14 10.24
C LEU A 286 2.48 0.47 10.83
N LYS A 287 1.55 -0.47 10.68
CA LYS A 287 0.19 -0.30 11.14
C LYS A 287 -0.04 -1.14 12.38
N ILE A 288 -0.23 -0.47 13.52
CA ILE A 288 -0.43 -1.15 14.78
C ILE A 288 -1.84 -0.99 15.31
N LEU A 289 -2.52 -2.12 15.47
CA LEU A 289 -3.77 -2.15 16.19
C LEU A 289 -3.55 -2.25 17.70
N ILE A 290 -4.13 -1.31 18.42
CA ILE A 290 -3.89 -1.17 19.84
C ILE A 290 -5.16 -1.34 20.65
N HIS A 291 -5.21 -2.44 21.39
CA HIS A 291 -6.29 -2.73 22.32
C HIS A 291 -6.17 -1.87 23.57
N VAL A 292 -7.18 -1.06 23.83
CA VAL A 292 -7.12 -0.08 24.90
C VAL A 292 -8.33 -0.10 25.81
N ARG A 293 -8.14 0.36 27.03
CA ARG A 293 -9.24 0.66 27.92
C ARG A 293 -9.22 2.13 28.33
N GLY A 294 -10.39 2.73 28.47
CA GLY A 294 -10.49 4.10 28.93
C GLY A 294 -10.56 5.15 27.84
N ALA A 295 -10.55 4.71 26.59
CA ALA A 295 -10.68 5.62 25.46
C ALA A 295 -12.13 5.81 25.03
N GLU A 296 -12.56 7.05 24.94
CA GLU A 296 -13.85 7.36 24.37
C GLU A 296 -13.87 7.11 22.87
N ALA A 297 -15.06 6.97 22.32
CA ALA A 297 -15.22 6.65 20.91
C ALA A 297 -14.87 7.85 20.05
N GLY A 298 -14.42 7.58 18.83
CA GLY A 298 -14.31 8.62 17.82
C GLY A 298 -13.07 9.50 17.92
N ILE A 299 -12.06 9.05 18.63
CA ILE A 299 -10.82 9.80 18.75
C ILE A 299 -10.00 9.84 17.47
N GLU A 300 -9.53 11.01 17.12
CA GLU A 300 -8.40 11.17 16.22
C GLU A 300 -7.29 12.02 16.86
N CYS A 301 -6.08 11.50 16.79
CA CYS A 301 -4.89 12.23 17.19
C CYS A 301 -3.91 12.33 16.04
N VAL A 302 -3.48 13.56 15.77
CA VAL A 302 -2.36 13.82 14.91
C VAL A 302 -1.38 14.75 15.62
N GLY A 303 -0.10 14.44 15.52
CA GLY A 303 0.90 15.33 16.06
C GLY A 303 2.33 14.88 15.84
N ASP A 304 3.21 15.31 16.72
CA ASP A 304 4.63 15.16 16.52
C ASP A 304 5.18 13.92 17.24
N GLY A 305 4.28 13.03 17.64
CA GLY A 305 4.67 11.83 18.35
C GLY A 305 5.37 10.85 17.45
N ILE A 306 6.02 9.87 18.05
CA ILE A 306 6.52 8.75 17.29
C ILE A 306 5.43 7.95 16.57
N PHE A 307 4.21 8.03 17.08
CA PHE A 307 3.02 7.79 16.29
C PHE A 307 2.50 9.15 15.76
N PRO A 308 2.77 9.44 14.50
CA PRO A 308 2.25 10.65 13.87
C PRO A 308 0.73 10.72 13.93
N THR A 309 0.09 9.56 13.83
CA THR A 309 -1.35 9.47 13.95
C THR A 309 -1.79 8.32 14.82
N LEU A 310 -2.89 8.53 15.52
CA LEU A 310 -3.48 7.53 16.36
C LEU A 310 -4.97 7.78 16.41
N TYR A 311 -5.76 6.79 16.01
CA TYR A 311 -7.18 7.03 15.83
C TYR A 311 -8.07 5.82 15.99
N ASP A 312 -9.36 6.08 16.17
CA ASP A 312 -10.34 5.06 16.46
C ASP A 312 -10.41 4.02 15.35
N TYR A 313 -10.43 2.77 15.76
CA TYR A 313 -10.58 1.66 14.83
C TYR A 313 -11.89 0.92 15.05
N CYS A 314 -12.11 0.42 16.25
CA CYS A 314 -13.37 -0.23 16.56
C CYS A 314 -13.73 -0.39 18.03
N GLU A 315 -15.03 -0.30 18.30
CA GLU A 315 -15.61 -0.66 19.57
C GLU A 315 -15.39 -2.13 19.90
N VAL A 316 -14.86 -2.39 21.08
CA VAL A 316 -14.76 -3.74 21.57
C VAL A 316 -15.82 -3.99 22.62
N SER A 317 -15.94 -3.06 23.55
CA SER A 317 -17.03 -3.07 24.52
C SER A 317 -17.26 -1.64 24.96
N GLU A 318 -17.96 -1.49 26.08
CA GLU A 318 -18.33 -0.16 26.51
C GLU A 318 -17.15 0.51 27.16
N SER A 319 -16.15 -0.30 27.49
CA SER A 319 -14.97 0.19 28.15
C SER A 319 -13.72 0.03 27.27
N GLU A 320 -13.81 -0.83 26.28
CA GLU A 320 -12.65 -1.22 25.50
C GLU A 320 -12.81 -0.88 24.01
N ARG A 321 -11.69 -0.59 23.37
CA ARG A 321 -11.64 -0.34 21.94
C ARG A 321 -10.36 -0.85 21.31
N LEU A 322 -10.34 -0.91 19.99
CA LEU A 322 -9.10 -0.84 19.23
C LEU A 322 -8.87 0.54 18.65
N LEU A 323 -7.69 1.06 18.87
CA LEU A 323 -7.19 2.19 18.09
C LEU A 323 -6.25 1.70 17.03
N VAL A 324 -5.95 2.54 16.05
CA VAL A 324 -4.88 2.26 15.14
C VAL A 324 -3.84 3.37 15.06
N ALA A 325 -2.58 2.97 15.15
CA ALA A 325 -1.45 3.88 15.00
C ALA A 325 -0.69 3.54 13.75
N PHE A 326 -0.19 4.56 13.07
CA PHE A 326 0.75 4.38 11.98
C PHE A 326 2.08 5.03 12.33
N THR A 327 3.16 4.32 12.07
CA THR A 327 4.51 4.82 12.28
C THR A 327 5.38 4.16 11.20
N ASP A 328 6.67 3.97 11.44
CA ASP A 328 7.43 3.16 10.45
C ASP A 328 8.38 2.26 11.31
N SER A 329 8.74 1.14 10.72
CA SER A 329 9.52 0.10 11.42
C SER A 329 11.01 0.46 11.51
N GLY A 330 11.46 1.47 10.83
CA GLY A 330 12.85 1.97 11.06
C GLY A 330 12.89 2.79 12.38
N SER A 331 11.83 3.53 12.60
CA SER A 331 11.76 4.42 13.73
C SER A 331 11.26 3.75 15.00
N PHE A 332 10.39 2.76 14.86
CA PHE A 332 9.65 2.25 16.00
C PHE A 332 9.72 0.73 16.11
N ASP A 333 9.91 0.24 17.34
CA ASP A 333 9.91 -1.20 17.60
C ASP A 333 8.68 -1.66 18.37
N PRO A 334 7.75 -2.27 17.66
CA PRO A 334 6.49 -2.67 18.24
C PRO A 334 6.59 -3.85 19.23
N THR A 335 7.74 -4.49 19.31
CA THR A 335 7.97 -5.49 20.33
C THR A 335 8.30 -4.85 21.69
N ASP A 336 8.46 -3.55 21.69
CA ASP A 336 8.73 -2.80 22.91
C ASP A 336 7.42 -2.19 23.41
N ILE A 337 6.70 -2.93 24.23
CA ILE A 337 5.40 -2.48 24.67
C ILE A 337 5.48 -1.21 25.53
N GLY A 338 6.59 -1.03 26.25
CA GLY A 338 6.82 0.21 26.94
C GLY A 338 6.79 1.41 26.01
N ALA A 339 7.46 1.28 24.88
CA ALA A 339 7.46 2.27 23.83
C ALA A 339 6.06 2.55 23.28
N VAL A 340 5.26 1.51 23.13
CA VAL A 340 3.90 1.67 22.67
C VAL A 340 3.09 2.47 23.67
N LYS A 341 3.19 2.10 24.95
CA LYS A 341 2.50 2.82 25.99
C LYS A 341 2.87 4.31 26.00
N ASP A 342 4.17 4.60 25.95
CA ASP A 342 4.62 5.98 25.90
C ASP A 342 4.03 6.71 24.68
N ALA A 343 4.06 6.06 23.53
CA ALA A 343 3.59 6.68 22.30
C ALA A 343 2.11 7.01 22.37
N VAL A 344 1.33 6.11 22.95
CA VAL A 344 -0.09 6.32 23.14
C VAL A 344 -0.38 7.39 24.16
N LEU A 345 0.28 7.28 25.32
CA LEU A 345 0.04 8.19 26.42
C LEU A 345 0.38 9.63 26.08
N TYR A 346 1.31 9.81 25.15
CA TYR A 346 1.68 11.16 24.74
C TYR A 346 0.44 11.91 24.30
N TYR A 347 -0.41 11.24 23.52
CA TYR A 347 -1.67 11.79 23.04
C TYR A 347 -2.82 11.63 24.04
N LEU A 348 -2.85 10.49 24.72
CA LEU A 348 -4.03 10.00 25.44
C LEU A 348 -3.62 9.51 26.83
N PRO A 349 -3.30 10.44 27.70
CA PRO A 349 -2.65 10.12 28.98
C PRO A 349 -3.55 9.36 29.94
N GLU A 350 -4.83 9.28 29.63
CA GLU A 350 -5.81 8.62 30.47
C GLU A 350 -6.07 7.17 30.08
N VAL A 351 -5.46 6.75 28.98
CA VAL A 351 -5.82 5.49 28.35
C VAL A 351 -4.84 4.40 28.74
N GLU A 352 -5.36 3.21 29.00
CA GLU A 352 -4.54 2.04 29.29
C GLU A 352 -4.40 1.11 28.11
N VAL A 353 -3.17 0.77 27.79
CA VAL A 353 -2.88 -0.13 26.70
C VAL A 353 -2.94 -1.56 27.18
N LEU A 354 -3.79 -2.36 26.55
CA LEU A 354 -3.99 -3.74 26.96
C LEU A 354 -3.17 -4.72 26.13
N GLY A 355 -2.89 -4.35 24.89
CA GLY A 355 -2.27 -5.26 23.95
C GLY A 355 -2.19 -4.65 22.56
N ILE A 356 -1.41 -5.27 21.69
CA ILE A 356 -1.26 -4.82 20.33
C ILE A 356 -1.29 -5.99 19.34
N ASP A 357 -1.49 -5.65 18.07
CA ASP A 357 -1.61 -6.62 17.00
C ASP A 357 -1.12 -5.93 15.73
N TYR A 358 -0.22 -6.60 15.02
CA TYR A 358 0.29 -6.13 13.76
C TYR A 358 0.93 -7.29 13.01
N HIS A 359 1.26 -7.06 11.75
CA HIS A 359 2.09 -8.00 11.01
C HIS A 359 3.35 -7.34 10.52
N ASP A 360 4.48 -7.97 10.80
CA ASP A 360 5.76 -7.45 10.38
C ASP A 360 6.02 -7.75 8.89
N TRP A 361 5.45 -6.92 8.02
CA TRP A 361 5.44 -7.17 6.59
C TRP A 361 6.86 -7.22 6.05
N ILE A 362 7.73 -6.45 6.69
CA ILE A 362 9.06 -6.25 6.20
C ILE A 362 9.93 -7.49 6.48
N ALA A 363 9.55 -8.26 7.49
CA ALA A 363 10.25 -9.48 7.85
C ALA A 363 9.66 -10.72 7.17
N ASP A 364 8.51 -10.54 6.56
CA ASP A 364 7.81 -11.63 5.92
C ASP A 364 8.41 -11.90 4.54
N PRO A 365 8.97 -13.09 4.35
CA PRO A 365 9.71 -13.40 3.13
C PRO A 365 8.85 -13.40 1.87
N LEU A 366 7.54 -13.47 2.05
CA LEU A 366 6.61 -13.33 0.94
C LEU A 366 6.30 -11.88 0.57
N PHE A 367 6.95 -10.95 1.27
CA PHE A 367 6.64 -9.53 1.13
C PHE A 367 7.87 -8.63 1.19
N GLU A 368 8.66 -8.73 2.25
CA GLU A 368 9.85 -7.91 2.41
C GLU A 368 9.53 -6.39 2.39
N GLY A 369 8.38 -6.05 2.93
CA GLY A 369 7.93 -4.67 2.95
C GLY A 369 6.42 -4.52 3.06
N PRO A 370 5.99 -3.38 3.57
CA PRO A 370 4.58 -3.01 3.52
C PRO A 370 4.25 -2.44 2.14
N TRP A 371 3.53 -1.33 2.08
CA TRP A 371 3.21 -0.71 0.81
C TRP A 371 4.39 0.06 0.24
N VAL A 372 4.36 0.25 -1.07
CA VAL A 372 5.45 0.90 -1.77
C VAL A 372 5.69 2.32 -1.28
N ALA A 373 6.95 2.65 -1.08
CA ALA A 373 7.44 4.01 -1.19
C ALA A 373 8.91 4.07 -1.58
N PRO A 374 9.25 4.85 -2.58
CA PRO A 374 10.63 4.89 -3.07
C PRO A 374 11.57 5.55 -2.08
N ARG A 375 12.81 5.09 -2.06
CA ARG A 375 13.91 5.88 -1.54
C ARG A 375 14.12 7.14 -2.39
N VAL A 376 14.68 8.18 -1.78
CA VAL A 376 14.94 9.43 -2.52
C VAL A 376 15.85 9.11 -3.69
N GLY A 377 15.53 9.62 -4.87
CA GLY A 377 16.42 9.38 -5.98
C GLY A 377 16.01 8.14 -6.75
N GLN A 378 15.20 7.24 -6.19
CA GLN A 378 14.90 6.03 -6.99
C GLN A 378 14.04 6.26 -8.21
N PHE A 379 12.85 6.79 -7.99
CA PHE A 379 11.83 6.78 -9.02
C PHE A 379 11.99 7.88 -10.09
N SER A 380 12.86 8.86 -9.87
CA SER A 380 13.21 9.78 -10.95
C SER A 380 14.29 9.22 -11.88
N ARG A 381 14.85 8.07 -11.50
CA ARG A 381 15.71 7.27 -12.36
C ARG A 381 14.97 6.17 -13.13
N VAL A 382 14.15 5.42 -12.41
CA VAL A 382 13.41 4.33 -13.00
C VAL A 382 12.13 3.95 -12.27
N HIS A 383 11.03 3.97 -13.01
CA HIS A 383 9.72 3.86 -12.40
C HIS A 383 8.72 3.18 -13.33
N LYS A 384 8.36 3.84 -14.40
CA LYS A 384 7.49 3.23 -15.39
C LYS A 384 8.05 1.88 -15.87
N GLU A 385 9.35 1.84 -16.09
CA GLU A 385 10.01 0.65 -16.57
C GLU A 385 9.80 -0.58 -15.68
N LEU A 386 9.80 -0.38 -14.37
CA LEU A 386 9.59 -1.46 -13.41
C LEU A 386 8.34 -2.26 -13.71
N GLY A 387 7.35 -1.58 -14.28
CA GLY A 387 6.06 -2.19 -14.51
C GLY A 387 5.84 -2.58 -15.94
N GLU A 388 6.86 -2.43 -16.77
CA GLU A 388 6.71 -2.79 -18.17
C GLU A 388 7.15 -4.26 -18.44
N PRO A 389 6.60 -4.89 -19.49
CA PRO A 389 6.95 -6.33 -19.77
C PRO A 389 8.42 -6.44 -20.11
N ALA A 390 9.01 -7.58 -19.80
CA ALA A 390 10.35 -7.98 -20.31
C ALA A 390 10.06 -9.22 -21.10
N GLY A 391 9.92 -9.06 -22.42
CA GLY A 391 9.52 -10.19 -23.29
C GLY A 391 8.13 -10.69 -22.91
N ARG A 392 8.05 -11.95 -22.51
CA ARG A 392 6.78 -12.56 -22.14
C ARG A 392 6.44 -12.51 -20.65
N ILE A 393 7.26 -11.80 -19.87
CA ILE A 393 7.03 -11.71 -18.40
C ILE A 393 6.48 -10.27 -18.17
N HIS A 394 5.23 -10.18 -17.69
CA HIS A 394 4.60 -8.93 -17.26
C HIS A 394 4.78 -8.71 -15.75
N PHE A 395 4.75 -7.44 -15.30
CA PHE A 395 5.03 -7.09 -13.91
C PHE A 395 3.88 -6.21 -13.49
N VAL A 396 3.13 -6.60 -12.42
CA VAL A 396 1.92 -5.85 -12.06
C VAL A 396 2.01 -5.67 -10.50
N GLY A 397 0.99 -5.09 -9.89
CA GLY A 397 0.91 -4.99 -8.47
C GLY A 397 0.77 -3.49 -8.11
N SER A 398 0.19 -3.22 -6.95
N SER A 398 0.18 -3.29 -6.96
CA SER A 398 0.17 -1.84 -6.43
CA SER A 398 0.14 -1.96 -6.36
C SER A 398 1.52 -1.19 -6.48
C SER A 398 1.46 -1.24 -6.36
N ASP A 399 2.54 -1.95 -6.07
CA ASP A 399 3.89 -1.38 -6.05
C ASP A 399 4.28 -0.61 -7.31
N VAL A 400 3.84 -1.08 -8.47
CA VAL A 400 4.29 -0.51 -9.73
C VAL A 400 3.26 0.29 -10.49
N SER A 401 2.12 0.56 -9.87
CA SER A 401 1.08 1.36 -10.49
C SER A 401 1.55 2.79 -10.69
N LEU A 402 1.32 3.34 -11.88
CA LEU A 402 1.53 4.76 -12.13
C LEU A 402 0.36 5.60 -11.62
N GLU A 403 -0.79 4.96 -11.47
CA GLU A 403 -2.04 5.67 -11.32
C GLU A 403 -2.49 5.72 -9.86
N PHE A 404 -2.31 4.63 -9.14
CA PHE A 404 -2.64 4.59 -7.73
C PHE A 404 -1.75 3.66 -6.92
N PRO A 405 -0.45 3.94 -6.91
CA PRO A 405 0.51 3.10 -6.21
C PRO A 405 0.27 3.09 -4.71
N GLY A 406 0.41 1.91 -4.11
CA GLY A 406 0.30 1.75 -2.68
C GLY A 406 -1.13 1.56 -2.19
N TYR A 407 -2.06 1.49 -3.13
CA TYR A 407 -3.46 1.24 -2.84
C TYR A 407 -3.94 -0.04 -3.52
N ILE A 408 -4.95 -0.66 -2.93
CA ILE A 408 -5.65 -1.71 -3.62
C ILE A 408 -6.00 -1.33 -5.05
N GLU A 409 -6.45 -0.10 -5.25
CA GLU A 409 -6.77 0.36 -6.59
C GLU A 409 -5.63 0.19 -7.61
N GLY A 410 -4.39 0.42 -7.18
CA GLY A 410 -3.24 0.20 -8.03
C GLY A 410 -3.01 -1.24 -8.42
N ALA A 411 -3.28 -2.16 -7.51
CA ALA A 411 -3.29 -3.58 -7.81
C ALA A 411 -4.24 -3.93 -8.96
N LEU A 412 -5.45 -3.42 -8.89
CA LEU A 412 -6.45 -3.67 -9.90
C LEU A 412 -6.11 -3.04 -11.24
N GLU A 413 -5.62 -1.80 -11.20
CA GLU A 413 -5.27 -1.06 -12.38
C GLU A 413 -4.14 -1.74 -13.18
N THR A 414 -3.09 -2.12 -12.48
CA THR A 414 -1.99 -2.81 -13.12
C THR A 414 -2.42 -4.13 -13.76
N ALA A 415 -3.26 -4.88 -13.08
CA ALA A 415 -3.76 -6.13 -13.61
C ALA A 415 -4.50 -5.93 -14.95
N GLU A 416 -5.45 -5.02 -14.96
CA GLU A 416 -6.10 -4.56 -16.18
C GLU A 416 -5.12 -4.38 -17.35
N CYS A 417 -4.07 -3.60 -17.14
CA CYS A 417 -3.11 -3.34 -18.19
C CYS A 417 -2.45 -4.60 -18.74
N ALA A 418 -2.05 -5.48 -17.85
CA ALA A 418 -1.45 -6.74 -18.23
C ALA A 418 -2.40 -7.65 -18.97
N VAL A 419 -3.62 -7.77 -18.47
CA VAL A 419 -4.66 -8.53 -19.14
C VAL A 419 -4.86 -8.02 -20.57
N ASN A 420 -5.01 -6.72 -20.72
CA ASN A 420 -5.18 -6.14 -22.02
C ASN A 420 -3.98 -6.40 -22.92
N ALA A 421 -2.80 -6.19 -22.37
CA ALA A 421 -1.58 -6.46 -23.08
C ALA A 421 -1.58 -7.87 -23.64
N ILE A 422 -1.97 -8.83 -22.81
CA ILE A 422 -1.91 -10.22 -23.18
C ILE A 422 -2.96 -10.58 -24.22
N LEU A 423 -4.15 -10.06 -24.02
CA LEU A 423 -5.23 -10.32 -24.96
C LEU A 423 -4.92 -9.75 -26.33
N HIS A 424 -4.18 -8.66 -26.37
CA HIS A 424 -3.87 -8.00 -27.62
C HIS A 424 -2.52 -8.40 -28.19
N SER A 425 -1.89 -9.35 -27.54
CA SER A 425 -0.57 -9.80 -27.91
C SER A 425 -0.61 -10.59 -29.19
N HIS A 426 0.40 -10.38 -30.03
CA HIS A 426 0.46 -11.02 -31.34
C HIS A 426 1.05 -12.43 -31.29
N HIS A 427 1.90 -12.69 -30.30
CA HIS A 427 2.68 -13.92 -30.25
C HIS A 427 1.86 -15.18 -30.06
N1 HNL B . -2.84 5.85 6.49
C2 HNL B . -4.41 3.71 5.66
C3 HNL B . -3.26 4.11 4.93
C4 HNL B . -2.44 5.17 5.37
C5 HNL B . -4.83 4.41 6.83
C6 HNL B . -3.95 5.53 7.17
O6 HNL B . -4.13 6.26 8.18
C7 HNL B . -2.91 3.32 3.68
C8 HNL B . -1.46 2.92 3.53
C9 HNL B . -1.40 2.64 2.00
C10 HNL B . -2.69 3.07 1.32
N11 HNL B . -3.22 3.95 2.42
C12 HNL B . -4.63 4.27 2.31
PA FAD C . 0.14 -8.40 -2.61
O1A FAD C . -1.22 -8.33 -1.98
O2A FAD C . 1.40 -8.24 -1.84
O5B FAD C . 0.18 -9.91 -3.25
C5B FAD C . 1.49 -10.47 -3.53
C4B FAD C . 1.33 -12.05 -3.46
O4B FAD C . 2.58 -12.65 -3.83
C3B FAD C . 1.19 -12.50 -1.97
O3B FAD C . -0.04 -13.23 -1.76
C2B FAD C . 2.53 -13.20 -1.60
O2B FAD C . 2.23 -14.28 -0.71
C1B FAD C . 2.77 -13.83 -2.97
N9A FAD C . 4.21 -14.17 -3.21
C8A FAD C . 5.37 -13.50 -2.84
N7A FAD C . 6.48 -14.11 -3.35
C5A FAD C . 6.02 -15.19 -4.06
C6A FAD C . 6.71 -16.13 -4.85
N6A FAD C . 8.08 -16.04 -5.02
N1A FAD C . 5.95 -17.06 -5.41
C2A FAD C . 4.61 -17.15 -5.26
N3A FAD C . 3.90 -16.16 -4.59
C4A FAD C . 4.63 -15.24 -3.96
N1 FAD C . -4.39 -0.23 0.37
C2 FAD C . -5.57 0.42 0.31
O2 FAD C . -6.13 0.59 -0.77
N3 FAD C . -6.13 0.92 1.47
C4 FAD C . -5.50 0.75 2.69
O4 FAD C . -6.09 1.16 3.77
C4X FAD C . -4.30 0.11 2.73
N5 FAD C . -3.59 -0.06 3.90
C5X FAD C . -2.46 -0.88 3.99
C6 FAD C . -1.87 -1.13 5.23
C7 FAD C . -0.72 -1.99 5.32
C7M FAD C . -0.16 -2.18 6.75
C8 FAD C . -0.19 -2.58 4.13
C8M FAD C . 1.00 -3.53 4.13
C9 FAD C . -0.76 -2.30 2.87
C9A FAD C . -1.94 -1.47 2.83
N10 FAD C . -2.58 -1.13 1.65
C10 FAD C . -3.74 -0.41 1.56
C1' FAD C . -1.76 -1.25 0.38
C2' FAD C . -2.44 -2.50 -0.27
O2' FAD C . -2.96 -3.47 0.70
C3' FAD C . -1.42 -3.25 -1.12
O3' FAD C . -0.69 -2.39 -2.03
C4' FAD C . -2.10 -4.28 -2.04
O4' FAD C . -3.03 -5.16 -1.41
C5' FAD C . -1.05 -5.06 -2.86
O5' FAD C . -1.77 -5.99 -3.75
P FAD C . -0.81 -6.75 -4.82
O1P FAD C . -1.73 -7.73 -5.55
O2P FAD C . 0.05 -5.76 -5.59
O3P FAD C . 0.32 -7.46 -3.90
P GP7 D . -17.45 21.51 8.92
C1 GP7 D . -15.41 21.15 10.62
C2 GP7 D . -14.65 20.80 9.32
O2 GP7 D . -14.31 19.40 9.31
C3 GP7 D . -13.47 21.76 9.09
O3 GP7 D . -13.39 21.95 7.67
C11 GP7 D . -12.87 23.12 7.00
O11 GP7 D . -12.25 23.94 7.62
C12 GP7 D . -13.04 23.33 5.54
C13 GP7 D . -12.08 24.40 5.05
C14 GP7 D . -10.78 23.83 4.43
C15 GP7 D . -10.22 24.40 3.10
C16 GP7 D . -8.77 23.87 2.94
C17 GP7 D . -8.21 24.34 1.62
C18 GP7 D . -6.79 23.86 1.31
C19 GP7 D . -6.05 23.22 2.44
O1P GP7 D . -17.01 20.17 8.42
C20 GP7 D . -5.09 22.21 1.91
C21 GP7 D . -4.46 21.60 3.15
C22 GP7 D . -2.97 21.76 3.33
C23 GP7 D . -2.56 21.19 4.69
C24 GP7 D . -1.29 21.74 5.36
C25 GP7 D . -0.26 22.36 4.41
O2P GP7 D . -18.98 21.58 9.07
C31 GP7 D . -13.63 18.79 8.16
O31 GP7 D . -14.07 17.72 7.75
C32 GP7 D . -12.42 19.45 7.53
C33 GP7 D . -11.84 18.75 6.31
C34 GP7 D . -11.04 17.54 6.79
C35 GP7 D . -9.69 17.44 6.15
C36 GP7 D . -8.85 16.33 6.79
C37 GP7 D . -7.31 16.28 6.61
C38 GP7 D . -6.53 17.28 5.80
C39 GP7 D . -5.25 16.61 5.44
O3P GP7 D . -16.75 21.61 10.38
C40 GP7 D . -4.19 17.45 4.69
C41 GP7 D . -2.70 17.01 4.97
C42 GP7 D . -2.38 15.81 4.05
C43 GP7 D . -0.93 15.58 3.79
C44 GP7 D . -0.81 14.34 2.86
C45 GP7 D . 0.68 14.02 2.68
C46 GP7 D . 0.96 12.87 1.69
O4P GP7 D . -16.84 22.72 8.29
N1 HNK E . -12.60 7.06 10.52
C2 HNK E . -12.74 8.26 9.81
C3 HNK E . -11.73 8.56 8.86
C4 HNK E . -10.69 7.68 8.55
C5 HNK E . -10.57 6.46 9.25
C6 HNK E . -11.58 6.19 10.20
O6 HNK E . -11.49 5.07 10.83
C7 HNK E . -11.82 9.84 8.14
C8 HNK E . -10.45 10.54 7.92
C9 HNK E . -10.74 11.32 6.67
C10 HNK E . -12.14 10.92 6.14
N11 HNK E . -12.49 9.65 6.84
C12 HNK E . -13.97 9.64 7.02
#